data_3D2Y
#
_entry.id   3D2Y
#
_cell.length_a   88.274
_cell.length_b   88.274
_cell.length_c   181.834
_cell.angle_alpha   90.00
_cell.angle_beta   90.00
_cell.angle_gamma   120.00
#
_symmetry.space_group_name_H-M   'P 61 2 2'
#
loop_
_entity.id
_entity.type
_entity.pdbx_description
1 polymer 'N-acetylmuramoyl-L-alanine amidase amiD'
2 polymer 'Anhydro-N-acetylmuramic acid-L-Ala-D-gamma-Glu-L-Lys'
3 non-polymer GLYCEROL
4 water water
#
loop_
_entity_poly.entity_id
_entity_poly.type
_entity_poly.pdbx_seq_one_letter_code
_entity_poly.pdbx_strand_id
1 'polypeptide(L)'
;MGAGEKGIVEKEGYQLDTRRQAQAAYPRIKVLVIHYTADDFDSSLATLTDKQVSSHYLVPAVPPRYNGKPRIWQLVPEQE
LAWHAGISAWRGATRLNDTSIGIELENRGWQKSAGVKYFAPFEPAQIQALIPLAKDIIARYHIKPENVVAHADIAPQRKD
DPGPLFPWQQLAQQGIGAWPDAQRVNFYLAGRAPHTPVDTASLLELLARYGYDVKPDMTPREQRRVIMAFQMHFRPTLYN
GEADAETQAIAEALLEKYGQD
;
A
2 'polypeptide(L)' (AH0)A(FGA)K B
#
loop_
_chem_comp.id
_chem_comp.type
_chem_comp.name
_chem_comp.formula
AH0 non-polymer '2-(2-ACETYLAMINO-4-HYDROXY-6,8-DIOXA-BICYCLO[3.2.1]OCT-3-YLOXY)-PROPIONIC ACID' 'C11 H17 N O7'
FGA D-gamma-peptide, C-delta linking 'GAMMA-D-GLUTAMIC ACID' 'C5 H9 N O4'
GOL non-polymer GLYCEROL 'C3 H8 O3'
#
# COMPACT_ATOMS: atom_id res chain seq x y z
N GLU A 5 -26.40 -33.82 5.20
CA GLU A 5 -25.75 -35.16 5.07
C GLU A 5 -24.24 -34.96 4.93
N LYS A 6 -23.50 -36.05 4.73
CA LYS A 6 -22.05 -36.04 4.74
C LYS A 6 -21.47 -35.27 3.55
N GLY A 7 -21.28 -33.95 3.74
CA GLY A 7 -20.81 -33.03 2.69
C GLY A 7 -21.90 -32.58 1.71
N ILE A 8 -23.17 -32.71 2.12
CA ILE A 8 -24.32 -32.30 1.28
C ILE A 8 -25.09 -31.14 1.92
N VAL A 9 -25.40 -30.11 1.11
CA VAL A 9 -26.13 -28.89 1.56
C VAL A 9 -27.47 -28.68 0.82
N GLU A 10 -28.57 -28.44 1.55
CA GLU A 10 -29.91 -28.27 0.92
C GLU A 10 -30.27 -26.81 0.61
N LYS A 11 -31.00 -26.61 -0.48
CA LYS A 11 -31.43 -25.28 -0.91
C LYS A 11 -32.83 -25.35 -1.53
N GLU A 12 -33.46 -24.20 -1.68
CA GLU A 12 -34.68 -24.13 -2.49
C GLU A 12 -34.28 -24.33 -3.96
N GLY A 13 -34.63 -25.51 -4.48
CA GLY A 13 -34.45 -25.78 -5.90
C GLY A 13 -33.42 -26.83 -6.27
N TYR A 14 -32.47 -27.11 -5.36
CA TYR A 14 -31.29 -27.94 -5.64
C TYR A 14 -30.53 -28.33 -4.35
N GLN A 15 -29.69 -29.36 -4.46
CA GLN A 15 -28.78 -29.79 -3.40
C GLN A 15 -27.36 -29.46 -3.81
N LEU A 16 -26.50 -29.09 -2.87
CA LEU A 16 -25.06 -28.96 -3.19
C LEU A 16 -24.27 -30.09 -2.54
N ASP A 17 -23.33 -30.65 -3.30
CA ASP A 17 -22.45 -31.70 -2.85
C ASP A 17 -21.07 -31.08 -2.73
N THR A 18 -20.57 -30.96 -1.50
CA THR A 18 -19.31 -30.23 -1.27
C THR A 18 -18.15 -31.19 -1.00
N ARG A 19 -18.39 -32.49 -1.23
CA ARG A 19 -17.44 -33.54 -0.85
C ARG A 19 -16.12 -33.47 -1.59
N ARG A 20 -16.16 -33.02 -2.83
CA ARG A 20 -14.94 -32.90 -3.64
C ARG A 20 -14.47 -31.45 -3.67
N GLN A 21 -13.33 -31.13 -3.04
CA GLN A 21 -12.74 -29.78 -3.04
C GLN A 21 -11.61 -29.63 -4.08
N ALA A 22 -11.68 -28.56 -4.89
CA ALA A 22 -10.67 -28.27 -5.89
C ALA A 22 -9.38 -27.79 -5.26
N GLN A 23 -8.25 -28.21 -5.85
CA GLN A 23 -6.89 -27.75 -5.47
C GLN A 23 -6.70 -26.27 -5.78
N ALA A 24 -7.30 -25.83 -6.88
CA ALA A 24 -7.15 -24.45 -7.34
C ALA A 24 -8.27 -23.56 -6.74
N ALA A 25 -8.03 -23.13 -5.51
CA ALA A 25 -8.96 -22.24 -4.78
C ALA A 25 -8.06 -21.32 -3.96
N TYR A 26 -8.24 -20.01 -4.10
CA TYR A 26 -7.33 -18.98 -3.59
C TYR A 26 -8.15 -17.79 -3.16
N PRO A 27 -7.65 -17.00 -2.16
CA PRO A 27 -8.36 -15.77 -1.77
C PRO A 27 -8.66 -14.81 -2.93
N ARG A 28 -9.77 -14.09 -2.78
CA ARG A 28 -9.99 -12.97 -3.67
C ARG A 28 -9.19 -11.72 -3.22
N ILE A 29 -8.78 -11.71 -1.94
CA ILE A 29 -8.01 -10.60 -1.39
C ILE A 29 -6.50 -10.89 -1.57
N LYS A 30 -5.77 -9.98 -2.20
CA LYS A 30 -4.37 -10.16 -2.51
C LYS A 30 -3.51 -8.97 -2.07
N VAL A 31 -4.16 -7.84 -1.75
CA VAL A 31 -3.45 -6.58 -1.58
C VAL A 31 -3.88 -5.88 -0.29
N LEU A 32 -2.90 -5.35 0.42
CA LEU A 32 -3.14 -4.51 1.61
C LEU A 32 -2.64 -3.12 1.35
N VAL A 33 -3.57 -2.16 1.31
CA VAL A 33 -3.25 -0.77 1.01
C VAL A 33 -3.24 0.17 2.28
N ILE A 34 -2.13 0.88 2.48
CA ILE A 34 -2.01 1.81 3.62
C ILE A 34 -2.32 3.26 3.19
N HIS A 35 -3.16 3.92 3.99
CA HIS A 35 -3.57 5.32 3.75
C HIS A 35 -3.30 6.17 4.96
N TYR A 36 -3.22 7.49 4.79
CA TYR A 36 -3.55 8.42 5.90
C TYR A 36 -4.85 9.19 5.63
N THR A 37 -5.42 9.76 6.68
CA THR A 37 -6.76 10.36 6.61
C THR A 37 -6.70 11.80 6.18
N ALA A 38 -5.56 12.43 6.47
CA ALA A 38 -5.43 13.90 6.41
C ALA A 38 -6.53 14.65 7.14
N ASP A 39 -6.91 14.17 8.33
CA ASP A 39 -8.01 14.76 9.11
C ASP A 39 -8.09 14.04 10.47
N ASP A 40 -8.81 14.64 11.42
CA ASP A 40 -8.90 14.17 12.80
C ASP A 40 -9.79 12.97 12.90
N PHE A 41 -9.80 12.30 14.05
CA PHE A 41 -10.51 11.03 14.10
C PHE A 41 -12.01 11.12 13.78
N ASP A 42 -12.71 11.99 14.51
CA ASP A 42 -14.17 12.08 14.37
C ASP A 42 -14.53 12.45 12.93
N SER A 43 -13.82 13.43 12.37
CA SER A 43 -14.04 13.84 10.98
CA SER A 43 -14.03 13.85 10.99
C SER A 43 -13.76 12.71 9.98
N SER A 44 -12.71 11.95 10.19
CA SER A 44 -12.35 10.85 9.26
C SER A 44 -13.45 9.77 9.38
N LEU A 45 -13.88 9.49 10.62
CA LEU A 45 -14.91 8.47 10.82
C LEU A 45 -16.21 8.86 10.08
N ALA A 46 -16.59 10.14 10.20
CA ALA A 46 -17.74 10.68 9.48
C ALA A 46 -17.60 10.43 7.96
N THR A 47 -16.44 10.80 7.42
CA THR A 47 -16.21 10.76 5.98
C THR A 47 -16.18 9.32 5.48
N LEU A 48 -15.49 8.44 6.20
CA LEU A 48 -15.37 7.04 5.79
C LEU A 48 -16.61 6.18 5.99
N THR A 49 -17.65 6.76 6.56
CA THR A 49 -18.95 6.07 6.69
C THR A 49 -20.03 6.75 5.82
N ASP A 50 -19.60 7.71 5.01
CA ASP A 50 -20.51 8.42 4.11
C ASP A 50 -20.58 7.70 2.78
N LYS A 51 -21.06 8.40 1.77
CA LYS A 51 -21.42 7.68 0.57
C LYS A 51 -20.43 7.83 -0.60
N GLN A 52 -19.27 8.46 -0.34
CA GLN A 52 -18.23 8.64 -1.35
CA GLN A 52 -18.24 8.65 -1.34
C GLN A 52 -17.00 7.76 -1.15
N VAL A 53 -16.58 7.58 0.10
CA VAL A 53 -15.40 6.76 0.35
CA VAL A 53 -15.39 6.78 0.37
C VAL A 53 -15.56 5.96 1.64
N SER A 54 -14.85 4.84 1.73
CA SER A 54 -14.74 4.07 2.96
C SER A 54 -13.40 3.32 3.04
N SER A 55 -13.13 2.73 4.19
CA SER A 55 -12.00 1.79 4.31
C SER A 55 -12.43 0.69 5.26
N HIS A 56 -11.69 -0.42 5.25
CA HIS A 56 -12.01 -1.52 6.18
C HIS A 56 -11.64 -1.22 7.61
N TYR A 57 -10.49 -0.55 7.81
CA TYR A 57 -10.04 -0.19 9.14
C TYR A 57 -9.65 1.30 9.23
N LEU A 58 -9.91 1.84 10.40
CA LEU A 58 -9.46 3.18 10.77
C LEU A 58 -8.71 3.13 12.11
N VAL A 59 -7.42 3.49 12.07
CA VAL A 59 -6.55 3.44 13.26
C VAL A 59 -6.34 4.87 13.79
N PRO A 60 -6.79 5.17 15.04
CA PRO A 60 -6.50 6.52 15.55
C PRO A 60 -4.98 6.79 15.64
N ALA A 61 -4.61 8.05 15.76
CA ALA A 61 -3.21 8.43 15.93
C ALA A 61 -2.61 7.80 17.18
N VAL A 62 -3.38 7.81 18.27
CA VAL A 62 -3.00 7.11 19.49
C VAL A 62 -4.26 6.37 19.88
N PRO A 63 -4.36 5.08 19.51
CA PRO A 63 -5.55 4.30 19.84
C PRO A 63 -5.73 4.18 21.35
N PRO A 64 -6.99 4.34 21.81
CA PRO A 64 -7.35 4.15 23.21
C PRO A 64 -7.12 2.67 23.50
N ARG A 65 -6.82 2.35 24.74
CA ARG A 65 -6.58 0.96 25.14
C ARG A 65 -7.61 0.41 26.16
N TYR A 66 -8.04 -0.82 25.90
CA TYR A 66 -8.99 -1.54 26.71
C TYR A 66 -8.44 -2.93 26.83
N ASN A 67 -8.57 -3.55 28.01
CA ASN A 67 -8.05 -4.91 28.21
C ASN A 67 -6.60 -5.01 27.78
N GLY A 68 -5.87 -3.90 27.91
CA GLY A 68 -4.45 -3.84 27.60
C GLY A 68 -4.11 -3.80 26.13
N LYS A 69 -5.11 -3.53 25.28
CA LYS A 69 -4.98 -3.65 23.81
C LYS A 69 -5.46 -2.37 23.12
N PRO A 70 -4.76 -1.93 22.03
CA PRO A 70 -5.24 -0.76 21.29
C PRO A 70 -6.53 -1.09 20.55
N ARG A 71 -7.48 -0.16 20.54
CA ARG A 71 -8.74 -0.34 19.84
C ARG A 71 -8.64 0.31 18.46
N ILE A 72 -9.01 -0.48 17.45
CA ILE A 72 -9.03 -0.05 16.05
C ILE A 72 -10.48 -0.19 15.54
N TRP A 73 -10.91 0.72 14.65
CA TRP A 73 -12.29 0.73 14.16
C TRP A 73 -12.37 -0.05 12.86
N GLN A 74 -13.29 -1.01 12.77
CA GLN A 74 -13.55 -1.73 11.51
C GLN A 74 -14.88 -1.25 10.96
N LEU A 75 -14.85 -0.78 9.72
CA LEU A 75 -15.98 -0.09 9.13
C LEU A 75 -16.68 -0.94 8.07
N VAL A 76 -15.96 -1.93 7.53
CA VAL A 76 -16.43 -2.68 6.37
C VAL A 76 -15.94 -4.11 6.54
N PRO A 77 -16.86 -5.12 6.47
CA PRO A 77 -16.43 -6.53 6.52
C PRO A 77 -15.41 -6.80 5.41
N GLU A 78 -14.39 -7.59 5.72
CA GLU A 78 -13.25 -7.82 4.83
C GLU A 78 -13.72 -8.53 3.58
N GLN A 79 -14.82 -9.29 3.70
CA GLN A 79 -15.40 -10.03 2.58
CA GLN A 79 -15.34 -10.02 2.54
C GLN A 79 -15.90 -9.08 1.50
N GLU A 80 -16.18 -7.85 1.91
CA GLU A 80 -16.74 -6.83 1.03
C GLU A 80 -15.66 -5.85 0.64
N LEU A 81 -15.79 -5.23 -0.52
CA LEU A 81 -14.91 -4.13 -0.88
C LEU A 81 -15.32 -2.80 -0.24
N ALA A 82 -14.29 -2.00 0.05
CA ALA A 82 -14.45 -0.65 0.57
C ALA A 82 -14.03 0.28 -0.55
N TRP A 83 -14.52 1.52 -0.55
CA TRP A 83 -14.19 2.56 -1.55
C TRP A 83 -12.98 3.42 -1.11
N HIS A 84 -11.79 2.78 -1.11
CA HIS A 84 -10.52 3.38 -0.62
C HIS A 84 -9.41 3.61 -1.67
N ALA A 85 -9.31 2.73 -2.67
CA ALA A 85 -8.22 2.78 -3.68
C ALA A 85 -8.52 3.75 -4.84
N GLY A 86 -9.80 3.79 -5.24
CA GLY A 86 -10.18 4.54 -6.44
C GLY A 86 -9.58 4.01 -7.73
N ILE A 87 -9.44 4.91 -8.71
CA ILE A 87 -8.76 4.55 -9.98
C ILE A 87 -7.33 4.17 -9.65
N SER A 88 -6.94 2.93 -10.00
CA SER A 88 -5.73 2.36 -9.41
C SER A 88 -5.20 1.23 -10.29
N ALA A 89 -3.91 0.93 -10.09
CA ALA A 89 -3.18 -0.11 -10.82
C ALA A 89 -2.00 -0.63 -9.99
N TRP A 90 -1.88 -1.96 -9.87
CA TRP A 90 -0.76 -2.60 -9.19
C TRP A 90 -0.48 -3.98 -9.78
N ARG A 91 0.74 -4.12 -10.31
CA ARG A 91 1.26 -5.43 -10.75
C ARG A 91 0.36 -6.14 -11.76
N GLY A 92 -0.20 -5.39 -12.69
CA GLY A 92 -1.07 -6.01 -13.70
C GLY A 92 -2.57 -5.82 -13.42
N ALA A 93 -2.94 -5.55 -12.16
CA ALA A 93 -4.38 -5.44 -11.77
C ALA A 93 -4.84 -4.00 -11.86
N THR A 94 -6.14 -3.77 -12.02
CA THR A 94 -6.74 -2.45 -11.84
C THR A 94 -7.94 -2.61 -10.88
N ARG A 95 -8.65 -1.51 -10.58
CA ARG A 95 -9.81 -1.55 -9.69
C ARG A 95 -9.40 -2.24 -8.38
N LEU A 96 -8.37 -1.70 -7.77
CA LEU A 96 -7.80 -2.32 -6.56
C LEU A 96 -8.75 -2.51 -5.37
N ASN A 97 -9.85 -1.77 -5.35
CA ASN A 97 -10.91 -1.94 -4.36
C ASN A 97 -11.33 -3.41 -4.34
N ASP A 98 -11.38 -4.01 -5.53
CA ASP A 98 -11.95 -5.35 -5.72
C ASP A 98 -11.16 -6.39 -4.95
N THR A 99 -9.84 -6.25 -4.93
CA THR A 99 -8.95 -7.25 -4.39
C THR A 99 -8.11 -6.79 -3.19
N SER A 100 -8.46 -5.68 -2.56
CA SER A 100 -7.63 -5.21 -1.47
C SER A 100 -8.40 -4.98 -0.21
N ILE A 101 -7.63 -4.96 0.88
CA ILE A 101 -8.10 -4.40 2.16
C ILE A 101 -7.45 -3.04 2.35
N GLY A 102 -8.21 -2.06 2.85
CA GLY A 102 -7.71 -0.69 2.98
C GLY A 102 -7.66 -0.37 4.46
N ILE A 103 -6.51 0.06 4.91
CA ILE A 103 -6.33 0.57 6.27
C ILE A 103 -6.03 2.05 6.25
N GLU A 104 -6.87 2.82 6.94
CA GLU A 104 -6.68 4.26 7.08
C GLU A 104 -6.10 4.57 8.48
N LEU A 105 -5.06 5.39 8.45
CA LEU A 105 -4.28 5.85 9.62
C LEU A 105 -4.54 7.33 9.83
N GLU A 106 -5.04 7.66 11.01
CA GLU A 106 -5.28 9.06 11.34
C GLU A 106 -3.93 9.74 11.39
N ASN A 107 -3.70 10.65 10.46
CA ASN A 107 -2.42 11.35 10.38
C ASN A 107 -2.70 12.55 9.47
N ARG A 108 -2.06 13.69 9.74
CA ARG A 108 -2.36 14.94 9.05
C ARG A 108 -1.93 15.02 7.57
N GLY A 109 -1.07 14.08 7.15
CA GLY A 109 -0.43 14.15 5.82
C GLY A 109 0.53 15.31 5.67
N TRP A 110 0.49 15.94 4.50
CA TRP A 110 1.36 17.09 4.19
C TRP A 110 0.69 18.44 4.33
N GLN A 111 1.50 19.44 4.69
CA GLN A 111 1.07 20.81 4.74
C GLN A 111 2.23 21.61 4.15
N LYS A 112 1.93 22.49 3.20
CA LYS A 112 2.95 23.32 2.55
C LYS A 112 3.31 24.48 3.47
N SER A 113 4.59 24.51 3.83
CA SER A 113 5.11 25.43 4.83
C SER A 113 6.33 26.15 4.25
N ALA A 114 6.11 27.36 3.76
CA ALA A 114 7.08 28.09 2.92
C ALA A 114 7.42 27.30 1.65
N GLY A 115 6.39 26.90 0.92
CA GLY A 115 6.53 26.13 -0.32
C GLY A 115 6.89 24.67 -0.10
N VAL A 116 7.67 24.41 0.94
CA VAL A 116 8.11 23.05 1.30
C VAL A 116 6.94 22.22 1.87
N LYS A 117 6.47 21.28 1.06
CA LYS A 117 5.51 20.28 1.48
C LYS A 117 6.15 19.45 2.62
N TYR A 118 5.63 19.62 3.85
CA TYR A 118 6.19 18.96 5.04
C TYR A 118 5.17 17.91 5.46
N PHE A 119 5.63 16.69 5.71
CA PHE A 119 4.73 15.60 6.12
C PHE A 119 4.75 15.46 7.66
N ALA A 120 3.78 14.75 8.23
CA ALA A 120 3.63 14.61 9.69
C ALA A 120 4.15 13.25 10.14
N PRO A 121 4.97 13.20 11.21
CA PRO A 121 5.46 11.91 11.69
C PRO A 121 4.33 11.00 12.19
N PHE A 122 4.52 9.69 12.07
CA PHE A 122 3.54 8.76 12.63
C PHE A 122 3.80 8.43 14.09
N GLU A 123 2.76 8.63 14.93
CA GLU A 123 2.81 8.27 16.32
C GLU A 123 3.27 6.83 16.47
N PRO A 124 4.34 6.60 17.24
CA PRO A 124 4.69 5.19 17.45
C PRO A 124 3.55 4.27 18.00
N ALA A 125 2.62 4.82 18.80
CA ALA A 125 1.50 4.01 19.35
C ALA A 125 0.65 3.44 18.17
N GLN A 126 0.44 4.27 17.16
CA GLN A 126 -0.31 3.88 15.96
C GLN A 126 0.38 2.76 15.21
N ILE A 127 1.68 2.91 14.98
CA ILE A 127 2.44 1.85 14.28
C ILE A 127 2.36 0.55 15.11
N GLN A 128 2.47 0.69 16.42
CA GLN A 128 2.44 -0.48 17.30
C GLN A 128 1.09 -1.25 17.21
N ALA A 129 0.01 -0.50 17.05
CA ALA A 129 -1.35 -1.04 16.87
C ALA A 129 -1.52 -1.67 15.49
N LEU A 130 -0.95 -0.99 14.49
CA LEU A 130 -0.98 -1.48 13.08
C LEU A 130 -0.34 -2.83 12.86
N ILE A 131 0.82 -3.05 13.49
CA ILE A 131 1.62 -4.28 13.23
C ILE A 131 0.82 -5.61 13.40
N PRO A 132 0.19 -5.86 14.58
CA PRO A 132 -0.58 -7.13 14.73
C PRO A 132 -1.82 -7.25 13.81
N LEU A 133 -2.43 -6.13 13.44
CA LEU A 133 -3.57 -6.16 12.53
C LEU A 133 -3.08 -6.50 11.12
N ALA A 134 -2.03 -5.82 10.66
CA ALA A 134 -1.41 -6.18 9.35
C ALA A 134 -0.95 -7.65 9.31
N LYS A 135 -0.30 -8.11 10.37
CA LYS A 135 0.17 -9.51 10.41
C LYS A 135 -1.01 -10.48 10.28
N ASP A 136 -2.11 -10.19 10.96
CA ASP A 136 -3.25 -11.08 10.93
C ASP A 136 -3.82 -11.11 9.53
N ILE A 137 -3.94 -9.93 8.93
CA ILE A 137 -4.49 -9.82 7.58
C ILE A 137 -3.65 -10.55 6.56
N ILE A 138 -2.34 -10.30 6.60
CA ILE A 138 -1.35 -10.97 5.75
C ILE A 138 -1.37 -12.51 5.92
N ALA A 139 -1.45 -13.01 7.16
CA ALA A 139 -1.64 -14.45 7.41
C ALA A 139 -2.92 -15.02 6.82
N ARG A 140 -4.01 -14.29 7.05
CA ARG A 140 -5.34 -14.79 6.69
C ARG A 140 -5.45 -15.11 5.18
N TYR A 141 -4.85 -14.25 4.36
CA TYR A 141 -4.99 -14.27 2.88
C TYR A 141 -3.73 -14.65 2.15
N HIS A 142 -2.70 -14.96 2.93
CA HIS A 142 -1.34 -15.20 2.42
C HIS A 142 -0.84 -14.10 1.49
N ILE A 143 -1.00 -12.86 1.94
CA ILE A 143 -0.63 -11.71 1.14
C ILE A 143 0.88 -11.67 1.02
N LYS A 144 1.39 -11.52 -0.21
CA LYS A 144 2.85 -11.56 -0.48
C LYS A 144 3.41 -10.22 -0.09
N PRO A 145 4.69 -10.16 0.37
CA PRO A 145 5.23 -8.91 0.88
C PRO A 145 5.07 -7.71 -0.10
N GLU A 146 5.35 -7.93 -1.38
CA GLU A 146 5.28 -6.83 -2.39
C GLU A 146 3.85 -6.27 -2.58
N ASN A 147 2.86 -6.95 -2.04
CA ASN A 147 1.49 -6.50 -2.16
C ASN A 147 0.97 -5.79 -0.90
N VAL A 148 1.89 -5.40 -0.03
CA VAL A 148 1.56 -4.41 1.02
C VAL A 148 2.05 -3.04 0.50
N VAL A 149 1.12 -2.14 0.17
CA VAL A 149 1.48 -0.99 -0.67
C VAL A 149 0.91 0.27 -0.09
N ALA A 150 1.50 1.36 -0.54
CA ALA A 150 0.98 2.69 -0.34
C ALA A 150 -0.11 2.95 -1.35
N HIS A 151 -1.07 3.76 -0.96
CA HIS A 151 -2.02 4.26 -1.97
C HIS A 151 -1.28 4.96 -3.12
N ALA A 152 -0.21 5.69 -2.78
CA ALA A 152 0.56 6.40 -3.84
C ALA A 152 1.14 5.40 -4.81
N ASP A 153 1.42 4.19 -4.32
CA ASP A 153 2.01 3.16 -5.20
C ASP A 153 0.99 2.78 -6.29
N ILE A 154 -0.31 2.80 -5.95
CA ILE A 154 -1.31 2.23 -6.86
C ILE A 154 -2.04 3.31 -7.64
N ALA A 155 -1.88 4.56 -7.20
CA ALA A 155 -2.39 5.75 -7.92
C ALA A 155 -1.38 6.93 -7.86
N PRO A 156 -0.19 6.75 -8.42
CA PRO A 156 0.91 7.72 -8.24
C PRO A 156 0.63 9.12 -8.73
N GLN A 157 -0.26 9.26 -9.73
CA GLN A 157 -0.57 10.61 -10.25
C GLN A 157 -1.54 11.35 -9.34
N ARG A 158 -2.23 10.62 -8.45
CA ARG A 158 -3.36 11.21 -7.69
C ARG A 158 -3.09 11.37 -6.22
N LYS A 159 -2.23 10.50 -5.67
CA LYS A 159 -2.08 10.38 -4.20
C LYS A 159 -0.62 10.31 -3.76
N ASP A 160 -0.37 10.79 -2.55
CA ASP A 160 0.93 10.67 -1.89
C ASP A 160 0.94 9.73 -0.69
N ASP A 161 -0.24 9.42 -0.17
CA ASP A 161 -0.36 8.70 1.10
C ASP A 161 0.11 7.26 1.07
N PRO A 162 0.69 6.77 2.21
CA PRO A 162 0.92 7.47 3.48
C PRO A 162 2.19 8.30 3.61
N GLY A 163 2.94 8.48 2.53
CA GLY A 163 4.00 9.47 2.49
C GLY A 163 5.36 9.02 3.00
N PRO A 164 6.36 9.90 2.83
CA PRO A 164 7.77 9.54 3.06
C PRO A 164 8.15 9.38 4.54
N LEU A 165 7.26 9.77 5.47
CA LEU A 165 7.53 9.59 6.92
C LEU A 165 6.94 8.27 7.44
N PHE A 166 6.20 7.58 6.58
CA PHE A 166 5.68 6.25 6.91
C PHE A 166 6.80 5.22 7.04
N PRO A 167 6.89 4.50 8.21
CA PRO A 167 8.06 3.65 8.48
C PRO A 167 8.03 2.24 7.83
N TRP A 168 8.16 2.18 6.50
CA TRP A 168 8.11 0.91 5.74
C TRP A 168 9.19 -0.09 6.16
N GLN A 169 10.42 0.39 6.34
CA GLN A 169 11.54 -0.48 6.76
C GLN A 169 11.29 -1.10 8.14
N GLN A 170 10.83 -0.31 9.10
CA GLN A 170 10.42 -0.83 10.40
C GLN A 170 9.38 -1.96 10.29
N LEU A 171 8.41 -1.79 9.39
CA LEU A 171 7.36 -2.78 9.23
C LEU A 171 7.94 -4.02 8.58
N ALA A 172 8.89 -3.82 7.65
CA ALA A 172 9.47 -4.93 6.91
C ALA A 172 10.25 -5.83 7.84
N GLN A 173 10.89 -5.22 8.85
CA GLN A 173 11.61 -5.96 9.88
C GLN A 173 10.70 -6.80 10.78
N GLN A 174 9.42 -6.44 10.83
CA GLN A 174 8.36 -7.20 11.49
C GLN A 174 7.62 -8.21 10.56
N GLY A 175 8.14 -8.36 9.34
CA GLY A 175 7.58 -9.29 8.35
C GLY A 175 6.42 -8.72 7.57
N ILE A 176 6.27 -7.40 7.63
CA ILE A 176 5.20 -6.68 6.93
C ILE A 176 5.72 -5.84 5.77
N GLY A 177 5.50 -6.33 4.56
CA GLY A 177 5.90 -5.62 3.33
C GLY A 177 7.30 -5.92 2.82
N ALA A 178 7.55 -5.43 1.63
CA ALA A 178 8.78 -5.68 0.82
C ALA A 178 9.91 -4.74 1.22
N TRP A 179 11.13 -5.26 1.27
CA TRP A 179 12.31 -4.38 1.42
C TRP A 179 13.48 -5.10 0.78
N PRO A 180 14.34 -4.36 0.04
CA PRO A 180 15.49 -4.94 -0.65
C PRO A 180 16.61 -5.36 0.32
N ASP A 181 17.35 -6.41 -0.04
CA ASP A 181 18.51 -6.80 0.74
C ASP A 181 19.62 -5.79 0.46
N ALA A 182 20.14 -5.20 1.54
CA ALA A 182 21.12 -4.10 1.48
C ALA A 182 22.38 -4.44 0.67
N GLN A 183 22.87 -5.67 0.82
CA GLN A 183 24.04 -6.11 0.03
C GLN A 183 23.71 -6.17 -1.46
N ARG A 184 22.48 -6.53 -1.80
CA ARG A 184 22.09 -6.53 -3.21
C ARG A 184 21.87 -5.11 -3.79
N VAL A 185 21.41 -4.16 -2.97
CA VAL A 185 21.29 -2.77 -3.41
C VAL A 185 22.67 -2.24 -3.74
N ASN A 186 23.61 -2.51 -2.83
CA ASN A 186 25.04 -2.22 -3.07
C ASN A 186 25.61 -2.93 -4.31
N PHE A 187 25.18 -4.17 -4.56
CA PHE A 187 25.63 -4.89 -5.73
C PHE A 187 25.20 -4.19 -7.01
N TYR A 188 23.93 -3.80 -7.06
CA TYR A 188 23.35 -3.12 -8.22
C TYR A 188 23.78 -1.66 -8.36
N LEU A 189 24.21 -1.05 -7.25
CA LEU A 189 24.79 0.30 -7.33
C LEU A 189 26.01 0.33 -8.26
N ALA A 190 26.76 -0.79 -8.24
CA ALA A 190 27.83 -1.07 -9.22
C ALA A 190 28.80 0.08 -9.38
N GLY A 191 29.19 0.63 -8.23
CA GLY A 191 30.26 1.61 -8.17
C GLY A 191 29.83 3.05 -8.30
N ARG A 192 28.53 3.28 -8.49
CA ARG A 192 28.07 4.65 -8.67
C ARG A 192 27.82 5.29 -7.31
N ALA A 193 27.98 6.62 -7.24
CA ALA A 193 27.47 7.39 -6.11
C ALA A 193 25.93 7.27 -6.13
N PRO A 194 25.29 7.25 -4.94
CA PRO A 194 23.83 7.03 -4.94
C PRO A 194 23.03 7.97 -5.88
N HIS A 195 23.40 9.25 -5.88
CA HIS A 195 22.70 10.26 -6.67
C HIS A 195 23.22 10.46 -8.11
N THR A 196 24.04 9.54 -8.60
CA THR A 196 24.46 9.56 -10.00
C THR A 196 23.20 9.47 -10.88
N PRO A 197 22.99 10.45 -11.80
CA PRO A 197 21.83 10.46 -12.71
C PRO A 197 21.77 9.23 -13.60
N VAL A 198 20.59 8.61 -13.68
CA VAL A 198 20.36 7.43 -14.48
C VAL A 198 19.30 7.74 -15.54
N ASP A 199 19.29 6.96 -16.63
CA ASP A 199 18.35 7.13 -17.72
C ASP A 199 16.88 6.96 -17.24
N THR A 200 16.06 7.98 -17.38
CA THR A 200 14.67 7.92 -16.86
C THR A 200 13.89 6.74 -17.44
N ALA A 201 13.94 6.57 -18.77
CA ALA A 201 13.14 5.50 -19.37
C ALA A 201 13.44 4.11 -18.78
N SER A 202 14.72 3.84 -18.55
CA SER A 202 15.19 2.55 -18.05
C SER A 202 14.66 2.35 -16.64
N LEU A 203 14.73 3.38 -15.81
CA LEU A 203 14.15 3.29 -14.47
C LEU A 203 12.64 3.03 -14.51
N LEU A 204 11.92 3.75 -15.36
CA LEU A 204 10.46 3.54 -15.47
C LEU A 204 10.03 2.12 -15.91
N GLU A 205 10.81 1.51 -16.79
CA GLU A 205 10.56 0.13 -17.12
C GLU A 205 10.57 -0.75 -15.88
N LEU A 206 11.62 -0.62 -15.06
CA LEU A 206 11.76 -1.40 -13.84
C LEU A 206 10.56 -1.15 -12.89
N LEU A 207 10.18 0.11 -12.74
CA LEU A 207 9.06 0.44 -11.86
C LEU A 207 7.76 -0.14 -12.37
N ALA A 208 7.57 -0.07 -13.70
CA ALA A 208 6.42 -0.67 -14.35
C ALA A 208 6.34 -2.15 -13.98
N ARG A 209 7.46 -2.85 -14.13
CA ARG A 209 7.48 -4.27 -13.91
C ARG A 209 7.31 -4.65 -12.45
N TYR A 210 7.83 -3.80 -11.56
CA TYR A 210 7.64 -3.99 -10.11
C TYR A 210 6.17 -3.80 -9.71
N GLY A 211 5.49 -2.86 -10.37
CA GLY A 211 4.04 -2.83 -10.35
C GLY A 211 3.39 -1.50 -10.60
N TYR A 212 4.22 -0.46 -10.76
CA TYR A 212 3.73 0.92 -10.90
C TYR A 212 3.03 1.14 -12.23
N ASP A 213 2.02 2.02 -12.25
CA ASP A 213 1.27 2.34 -13.45
C ASP A 213 2.17 3.25 -14.29
N VAL A 214 2.66 2.79 -15.43
CA VAL A 214 3.49 3.61 -16.30
C VAL A 214 2.88 3.49 -17.69
N LYS A 215 2.45 4.61 -18.27
CA LYS A 215 1.84 4.59 -19.60
C LYS A 215 2.85 5.06 -20.64
N PRO A 216 2.72 4.58 -21.90
CA PRO A 216 3.76 4.83 -22.93
C PRO A 216 4.09 6.30 -23.18
N ASP A 217 3.11 7.19 -23.12
CA ASP A 217 3.49 8.58 -23.33
C ASP A 217 3.12 9.39 -22.10
N MET A 218 4.13 9.78 -21.34
CA MET A 218 3.87 10.51 -20.10
C MET A 218 4.65 11.79 -20.18
N THR A 219 4.09 12.86 -19.63
CA THR A 219 4.84 14.09 -19.53
C THR A 219 5.93 13.83 -18.50
N PRO A 220 7.02 14.63 -18.52
CA PRO A 220 8.06 14.59 -17.47
C PRO A 220 7.48 14.65 -16.06
N ARG A 221 6.53 15.57 -15.86
CA ARG A 221 5.73 15.69 -14.63
C ARG A 221 5.14 14.35 -14.14
N GLU A 222 4.49 13.66 -15.06
CA GLU A 222 3.84 12.40 -14.76
C GLU A 222 4.88 11.30 -14.47
N GLN A 223 6.04 11.39 -15.15
CA GLN A 223 7.12 10.42 -14.97
C GLN A 223 7.76 10.65 -13.60
N ARG A 224 7.85 11.93 -13.20
CA ARG A 224 8.31 12.33 -11.85
C ARG A 224 7.39 11.81 -10.72
N ARG A 225 6.07 11.90 -10.89
CA ARG A 225 5.17 11.41 -9.88
CA ARG A 225 5.14 11.39 -9.90
C ARG A 225 5.35 9.90 -9.66
N VAL A 226 5.59 9.15 -10.72
CA VAL A 226 5.79 7.69 -10.55
C VAL A 226 7.06 7.44 -9.72
N ILE A 227 8.13 8.15 -10.05
CA ILE A 227 9.43 7.87 -9.47
C ILE A 227 9.38 8.35 -8.02
N MET A 228 8.73 9.49 -7.84
CA MET A 228 8.50 10.06 -6.52
C MET A 228 7.73 9.08 -5.59
N ALA A 229 6.62 8.52 -6.10
CA ALA A 229 5.84 7.53 -5.36
C ALA A 229 6.74 6.34 -4.86
N PHE A 230 7.62 5.87 -5.73
CA PHE A 230 8.50 4.75 -5.45
C PHE A 230 9.51 5.15 -4.34
N GLN A 231 10.03 6.37 -4.47
CA GLN A 231 11.03 6.88 -3.53
C GLN A 231 10.42 7.14 -2.16
N MET A 232 9.21 7.71 -2.13
CA MET A 232 8.49 7.89 -0.86
C MET A 232 8.36 6.61 -0.06
N HIS A 233 8.23 5.47 -0.77
CA HIS A 233 8.12 4.15 -0.14
C HIS A 233 9.52 3.56 0.17
N PHE A 234 10.44 3.62 -0.79
CA PHE A 234 11.64 2.80 -0.77
C PHE A 234 12.95 3.57 -0.70
N ARG A 235 12.89 4.91 -0.84
CA ARG A 235 14.12 5.74 -0.74
C ARG A 235 13.71 7.14 -0.26
N PRO A 236 13.14 7.21 0.95
CA PRO A 236 12.51 8.43 1.42
C PRO A 236 13.42 9.58 1.79
N THR A 237 14.72 9.34 1.82
CA THR A 237 15.68 10.46 2.00
C THR A 237 15.65 11.49 0.87
N LEU A 238 15.31 11.07 -0.35
CA LEU A 238 15.09 12.00 -1.44
C LEU A 238 14.08 11.45 -2.41
N TYR A 239 12.96 12.16 -2.53
CA TYR A 239 11.78 11.73 -3.29
C TYR A 239 11.38 12.83 -4.27
N ASN A 240 12.38 13.45 -4.89
CA ASN A 240 12.15 14.49 -5.90
C ASN A 240 11.75 13.98 -7.29
N GLY A 241 11.77 12.66 -7.48
CA GLY A 241 11.24 12.07 -8.69
C GLY A 241 12.20 12.04 -9.85
N GLU A 242 13.48 12.30 -9.55
CA GLU A 242 14.62 12.18 -10.50
C GLU A 242 15.31 10.82 -10.42
N ALA A 243 15.54 10.23 -11.58
CA ALA A 243 16.12 8.92 -11.66
C ALA A 243 17.59 8.97 -11.30
N ASP A 244 17.97 8.23 -10.26
CA ASP A 244 19.40 8.12 -9.91
C ASP A 244 19.79 6.67 -9.66
N ALA A 245 21.06 6.45 -9.36
CA ALA A 245 21.64 5.11 -9.30
C ALA A 245 21.09 4.34 -8.10
N GLU A 246 20.90 5.04 -6.98
CA GLU A 246 20.36 4.39 -5.77
C GLU A 246 18.93 3.90 -5.97
N THR A 247 18.08 4.78 -6.54
CA THR A 247 16.71 4.45 -6.89
C THR A 247 16.62 3.22 -7.83
N GLN A 248 17.40 3.25 -8.92
CA GLN A 248 17.50 2.13 -9.81
C GLN A 248 17.95 0.83 -9.11
N ALA A 249 18.99 0.91 -8.27
CA ALA A 249 19.53 -0.27 -7.59
C ALA A 249 18.50 -0.91 -6.66
N ILE A 250 17.71 -0.06 -6.01
CA ILE A 250 16.64 -0.52 -5.12
C ILE A 250 15.59 -1.28 -5.91
N ALA A 251 15.17 -0.69 -7.04
CA ALA A 251 14.21 -1.28 -7.95
C ALA A 251 14.74 -2.63 -8.45
N GLU A 252 16.02 -2.67 -8.83
CA GLU A 252 16.67 -3.89 -9.31
C GLU A 252 16.72 -4.98 -8.25
N ALA A 253 17.05 -4.59 -7.00
CA ALA A 253 17.06 -5.52 -5.87
C ALA A 253 15.66 -5.99 -5.45
N LEU A 254 14.67 -5.09 -5.40
CA LEU A 254 13.26 -5.52 -5.30
C LEU A 254 12.77 -6.53 -6.35
N LEU A 255 13.08 -6.28 -7.61
CA LEU A 255 12.71 -7.19 -8.67
C LEU A 255 13.39 -8.57 -8.56
N GLU A 256 14.66 -8.57 -8.22
CA GLU A 256 15.37 -9.80 -7.95
C GLU A 256 14.74 -10.65 -6.81
N LYS A 257 14.40 -10.00 -5.71
CA LYS A 257 13.88 -10.69 -4.54
C LYS A 257 12.39 -11.11 -4.63
N TYR A 258 11.55 -10.26 -5.22
CA TYR A 258 10.09 -10.47 -5.20
C TYR A 258 9.46 -10.74 -6.57
N GLY A 259 10.24 -10.49 -7.63
CA GLY A 259 9.74 -10.70 -8.97
C GLY A 259 8.61 -9.76 -9.36
N GLN A 260 7.83 -10.19 -10.35
CA GLN A 260 6.84 -9.33 -11.01
C GLN A 260 5.43 -9.95 -11.09
N ASP A 261 5.34 -11.21 -10.69
CA ASP A 261 4.18 -12.10 -10.91
C ASP A 261 3.92 -12.41 -12.41
C1 AH0 B 1 -10.66 12.48 1.12
C2 AH0 B 1 -9.93 11.54 2.10
N2 AH0 B 1 -10.62 11.40 3.39
C7 AH0 B 1 -10.31 10.40 4.22
O7 AH0 B 1 -9.71 9.40 3.84
C8 AH0 B 1 -10.81 10.54 5.61
C3 AH0 B 1 -8.47 11.99 2.34
O3 AH0 B 1 -7.61 11.51 1.30
C4 AH0 B 1 -8.33 13.53 2.39
O4 AH0 B 1 -8.65 13.98 3.70
C5 AH0 B 1 -9.22 14.19 1.34
O5 AH0 B 1 -10.56 13.80 1.64
C6 AH0 B 1 -8.98 13.61 -0.07
O6 AH0 B 1 -9.95 12.54 -0.13
CA AH0 B 1 -6.80 10.41 1.67
CB AH0 B 1 -5.32 10.72 1.49
C AH0 B 1 -7.28 9.25 0.80
O AH0 B 1 -7.02 9.28 -0.43
N ALA B 2 -8.35 8.61 1.30
CA ALA B 2 -9.04 7.52 0.57
C ALA B 2 -9.71 8.02 -0.71
N FGA B 3 -9.68 7.20 -1.76
CA FGA B 3 -10.51 7.46 -2.95
C FGA B 3 -9.68 7.69 -4.22
O FGA B 3 -10.09 8.34 -5.21
CB FGA B 3 -11.52 6.29 -3.13
CG FGA B 3 -12.53 6.44 -4.25
CD FGA B 3 -13.17 5.11 -4.68
OE1 FGA B 3 -12.61 4.01 -4.36
OXT FGA B 3 -8.57 7.19 -4.27
N LYS B 4 -14.41 5.18 -5.18
CA LYS B 4 -15.10 4.02 -5.84
C LYS B 4 -14.23 3.48 -6.99
C1 GOL C . -17.37 -4.64 9.81
O1 GOL C . -17.39 -5.92 10.42
C2 GOL C . -18.65 -3.89 10.18
O2 GOL C . -19.30 -3.30 9.07
C3 GOL C . -18.26 -2.83 11.18
O3 GOL C . -19.04 -1.69 10.94
C1 GOL D . 13.64 -7.08 4.43
O1 GOL D . 14.90 -7.09 3.81
C2 GOL D . 13.64 -6.29 5.75
O2 GOL D . 13.79 -7.17 6.83
C3 GOL D . 14.76 -5.24 5.80
O3 GOL D . 14.28 -4.02 6.30
#